data_6ENB
#
_entry.id   6ENB
#
_cell.length_a   77.443
_cell.length_b   87.576
_cell.length_c   99.058
_cell.angle_alpha   90.000
_cell.angle_beta   90.000
_cell.angle_gamma   90.000
#
_symmetry.space_group_name_H-M   'P 21 21 21'
#
loop_
_entity.id
_entity.type
_entity.pdbx_description
1 polymer 'Leukotriene A-4 hydrolase'
2 polymer PRO-GLY-PRO
3 non-polymer 'ZINC ION'
4 non-polymer 'ACETATE ION'
5 non-polymer 'YTTERBIUM (III) ION'
6 non-polymer IMIDAZOLE
7 water water
#
loop_
_entity_poly.entity_id
_entity_poly.type
_entity_poly.pdbx_seq_one_letter_code
_entity_poly.pdbx_strand_id
1 'polypeptide(L)'
;GPEIVDTCSLASPASVCRTKHLHLRCSVDFTRRTLTGTAALTVQSQEDNLRSLVLDTKDLTIEKVVINGQEVKYALGERQ
SYKGSPMEISLPIALSKNQEIVIEISFETSPKSSALQWLTPEQTSGKEHPYLFSQCQAIHCRAILPCQDTPSVKLTYTAE
VSVPKELVALMSAIRDGETPDPEDPSRKIYKFIQKVPIPCYLIALVVGALESRQIGPRTLVWSEKEQVEKSAYEFSETES
MLKIAEDLGGPYVWGQYDLLVLPPSFPYGGMENPCLTFVTPTLLAGDKSLSNVIAHQISHSWTGNLVTNKTWDHFWLNEG
HTVYLERHICGRLFGEKFRHFNALGGWGELQNSVKTFGETHPFTKLVVDLTDIDPDVAYSSVPYEKGFALLFYLEQLLGG
PEIFLGFLKAYVEKFSYKSITTDDWKDFLYSYFKDKVDVLNQVDWNAWLYSPGLPPIKPNYDMTLTNACIALSQRWITAK
EDDLNSFNATDLKDLSSHQLNEFLAQTLQRAPLPLGHIKRMQEVYNFNAINNSEIRFRWLRLCIQSKWEDAIPLALKMAT
EQGRMKFTRPLFKDLAAFDKSHDQAVRTYQEHKASMHPVTAMLVGKDLKVD
;
A
2 'polypeptide(L)' PGP B
#
# COMPACT_ATOMS: atom_id res chain seq x y z
N VAL A 5 -9.96 -7.84 -20.32
CA VAL A 5 -8.68 -8.54 -20.32
C VAL A 5 -7.61 -7.92 -19.38
N ASP A 6 -7.24 -8.67 -18.33
CA ASP A 6 -6.21 -8.21 -17.40
C ASP A 6 -4.85 -8.73 -17.91
N THR A 7 -4.03 -7.84 -18.45
CA THR A 7 -2.72 -8.18 -19.02
C THR A 7 -1.66 -8.61 -18.00
N CYS A 8 -1.91 -8.39 -16.70
CA CYS A 8 -1.00 -8.83 -15.64
C CYS A 8 -1.31 -10.25 -15.19
N SER A 9 -2.42 -10.83 -15.66
CA SER A 9 -2.81 -12.18 -15.24
C SER A 9 -2.68 -13.17 -16.39
N LEU A 10 -2.27 -14.40 -16.07
CA LEU A 10 -2.14 -15.50 -17.03
C LEU A 10 -3.31 -16.48 -16.89
N ALA A 11 -4.20 -16.23 -15.90
CA ALA A 11 -5.36 -17.09 -15.64
C ALA A 11 -6.52 -16.88 -16.64
N SER A 12 -7.50 -17.81 -16.66
CA SER A 12 -8.72 -17.64 -17.46
C SER A 12 -9.39 -16.34 -16.98
N PRO A 13 -9.81 -15.49 -17.91
CA PRO A 13 -10.46 -14.23 -17.51
C PRO A 13 -11.87 -14.48 -16.94
N ALA A 14 -12.47 -13.43 -16.38
CA ALA A 14 -13.80 -13.43 -15.75
C ALA A 14 -14.94 -13.78 -16.73
N SER A 15 -14.72 -13.61 -18.05
CA SER A 15 -15.67 -13.94 -19.12
C SER A 15 -15.76 -15.45 -19.39
N VAL A 16 -14.76 -16.24 -18.96
CA VAL A 16 -14.64 -17.70 -19.11
C VAL A 16 -15.16 -18.38 -17.82
N CYS A 17 -14.60 -17.98 -16.66
CA CYS A 17 -15.02 -18.56 -15.39
C CYS A 17 -14.70 -17.60 -14.26
N ARG A 18 -15.36 -17.78 -13.11
CA ARG A 18 -15.16 -16.91 -11.97
C ARG A 18 -15.08 -17.67 -10.71
N THR A 19 -14.06 -17.35 -9.88
CA THR A 19 -13.94 -17.95 -8.55
C THR A 19 -14.97 -17.22 -7.68
N LYS A 20 -15.81 -17.99 -7.01
CA LYS A 20 -16.85 -17.52 -6.11
C LYS A 20 -16.39 -17.59 -4.65
N HIS A 21 -15.61 -18.62 -4.31
CA HIS A 21 -15.16 -18.82 -2.94
C HIS A 21 -13.83 -19.57 -2.89
N LEU A 22 -13.04 -19.29 -1.84
CA LEU A 22 -11.80 -19.98 -1.52
C LEU A 22 -11.92 -20.52 -0.12
N HIS A 23 -11.64 -21.81 0.03
CA HIS A 23 -11.53 -22.39 1.36
C HIS A 23 -10.07 -22.85 1.49
N LEU A 24 -9.31 -22.13 2.34
CA LEU A 24 -7.88 -22.38 2.53
C LEU A 24 -7.60 -23.16 3.79
N ARG A 25 -6.89 -24.29 3.67
CA ARG A 25 -6.47 -25.10 4.81
C ARG A 25 -4.97 -25.21 4.69
N CYS A 26 -4.24 -24.54 5.59
CA CYS A 26 -2.78 -24.55 5.49
C CYS A 26 -2.07 -24.60 6.82
N SER A 27 -0.78 -24.93 6.75
CA SER A 27 0.10 -25.05 7.89
C SER A 27 1.32 -24.20 7.58
N VAL A 28 1.80 -23.46 8.60
CA VAL A 28 2.93 -22.55 8.49
C VAL A 28 4.13 -23.26 9.09
N ASP A 29 5.13 -23.57 8.26
CA ASP A 29 6.34 -24.25 8.72
C ASP A 29 7.50 -23.29 8.70
N PHE A 30 7.90 -22.82 9.89
CA PHE A 30 9.00 -21.87 10.03
C PHE A 30 10.37 -22.49 9.76
N THR A 31 10.55 -23.78 10.06
CA THR A 31 11.83 -24.45 9.80
C THR A 31 12.10 -24.54 8.30
N ARG A 32 11.06 -24.86 7.50
CA ARG A 32 11.19 -24.97 6.04
C ARG A 32 10.89 -23.66 5.30
N ARG A 33 10.30 -22.66 5.99
CA ARG A 33 9.87 -21.38 5.41
C ARG A 33 8.85 -21.64 4.30
N THR A 34 7.85 -22.49 4.60
CA THR A 34 6.81 -22.83 3.64
C THR A 34 5.43 -22.80 4.27
N LEU A 35 4.43 -22.53 3.43
CA LEU A 35 3.02 -22.60 3.73
C LEU A 35 2.59 -23.83 2.92
N THR A 36 2.03 -24.85 3.56
CA THR A 36 1.61 -26.05 2.84
C THR A 36 0.17 -26.31 3.13
N GLY A 37 -0.56 -26.76 2.13
CA GLY A 37 -1.96 -27.10 2.34
C GLY A 37 -2.76 -27.24 1.08
N THR A 38 -4.07 -26.96 1.22
CA THR A 38 -5.02 -27.07 0.13
C THR A 38 -5.80 -25.80 -0.05
N ALA A 39 -5.95 -25.39 -1.31
CA ALA A 39 -6.77 -24.25 -1.71
C ALA A 39 -7.93 -24.87 -2.48
N ALA A 40 -9.13 -24.78 -1.88
CA ALA A 40 -10.31 -25.34 -2.51
C ALA A 40 -11.08 -24.15 -3.10
N LEU A 41 -11.05 -24.05 -4.43
CA LEU A 41 -11.72 -22.98 -5.17
C LEU A 41 -13.06 -23.41 -5.71
N THR A 42 -14.13 -22.67 -5.36
CA THR A 42 -15.47 -22.87 -5.92
C THR A 42 -15.48 -21.98 -7.18
N VAL A 43 -15.53 -22.59 -8.34
CA VAL A 43 -15.46 -21.90 -9.63
C VAL A 43 -16.78 -22.06 -10.39
N GLN A 44 -17.26 -20.94 -10.92
CA GLN A 44 -18.47 -20.88 -11.71
C GLN A 44 -18.12 -20.69 -13.19
N SER A 45 -18.57 -21.60 -14.05
CA SER A 45 -18.35 -21.45 -15.48
C SER A 45 -19.20 -20.30 -16.04
N GLN A 46 -18.65 -19.49 -16.94
CA GLN A 46 -19.42 -18.41 -17.58
C GLN A 46 -19.70 -18.78 -19.04
N GLU A 47 -19.35 -20.04 -19.44
CA GLU A 47 -19.46 -20.49 -20.82
C GLU A 47 -20.08 -21.86 -20.93
N ASP A 48 -20.65 -22.16 -22.08
CA ASP A 48 -21.14 -23.51 -22.30
C ASP A 48 -19.97 -24.44 -22.59
N ASN A 49 -20.08 -25.74 -22.19
CA ASN A 49 -19.10 -26.79 -22.51
C ASN A 49 -17.66 -26.46 -22.08
N LEU A 50 -17.50 -25.95 -20.85
CA LEU A 50 -16.18 -25.59 -20.33
C LEU A 50 -15.44 -26.85 -19.88
N ARG A 51 -14.25 -27.11 -20.46
CA ARG A 51 -13.49 -28.33 -20.18
C ARG A 51 -12.14 -28.16 -19.50
N SER A 52 -11.68 -26.94 -19.40
CA SER A 52 -10.40 -26.64 -18.76
C SER A 52 -10.40 -25.20 -18.32
N LEU A 53 -9.43 -24.83 -17.49
CA LEU A 53 -9.28 -23.46 -17.05
C LEU A 53 -7.84 -23.24 -16.59
N VAL A 54 -7.46 -21.99 -16.49
CA VAL A 54 -6.08 -21.65 -16.19
C VAL A 54 -6.03 -20.77 -14.96
N LEU A 55 -5.05 -21.05 -14.08
CA LEU A 55 -4.84 -20.26 -12.87
C LEU A 55 -3.42 -19.69 -12.88
N ASP A 56 -3.23 -18.58 -12.16
CA ASP A 56 -1.92 -17.96 -11.95
C ASP A 56 -1.24 -18.70 -10.78
N THR A 57 0.08 -18.88 -10.85
CA THR A 57 0.91 -19.47 -9.80
C THR A 57 2.28 -18.81 -9.93
N LYS A 58 3.05 -18.72 -8.85
CA LYS A 58 4.40 -18.15 -8.91
C LYS A 58 5.25 -18.84 -7.87
N ASP A 59 6.24 -19.63 -8.34
CA ASP A 59 7.14 -20.43 -7.47
C ASP A 59 6.38 -21.36 -6.52
N LEU A 60 5.25 -21.91 -6.96
CA LEU A 60 4.47 -22.84 -6.15
C LEU A 60 4.82 -24.26 -6.53
N THR A 61 4.79 -25.15 -5.55
CA THR A 61 4.97 -26.56 -5.83
C THR A 61 3.58 -27.16 -5.76
N ILE A 62 3.15 -27.85 -6.82
CA ILE A 62 1.84 -28.48 -6.85
C ILE A 62 1.98 -29.97 -6.65
N GLU A 63 1.29 -30.53 -5.65
CA GLU A 63 1.30 -31.96 -5.35
C GLU A 63 0.25 -32.70 -6.19
N LYS A 64 -0.99 -32.16 -6.23
CA LYS A 64 -2.13 -32.76 -6.92
C LYS A 64 -3.31 -31.80 -7.00
N VAL A 65 -4.24 -32.12 -7.91
CA VAL A 65 -5.48 -31.39 -8.11
C VAL A 65 -6.61 -32.40 -8.03
N VAL A 66 -7.58 -32.17 -7.12
CA VAL A 66 -8.68 -33.10 -6.90
C VAL A 66 -10.03 -32.42 -7.15
N ILE A 67 -10.88 -33.06 -7.99
CA ILE A 67 -12.24 -32.62 -8.31
C ILE A 67 -13.11 -33.87 -8.23
N ASN A 68 -14.23 -33.81 -7.48
CA ASN A 68 -15.19 -34.91 -7.28
C ASN A 68 -14.52 -36.13 -6.58
N GLY A 69 -13.52 -35.87 -5.76
CA GLY A 69 -12.80 -36.90 -5.03
C GLY A 69 -11.74 -37.65 -5.84
N GLN A 70 -11.53 -37.27 -7.12
CA GLN A 70 -10.53 -37.92 -7.96
C GLN A 70 -9.45 -36.95 -8.43
N GLU A 71 -8.21 -37.45 -8.60
CA GLU A 71 -7.11 -36.61 -9.09
C GLU A 71 -7.30 -36.33 -10.57
N VAL A 72 -7.01 -35.08 -11.00
CA VAL A 72 -7.17 -34.66 -12.39
C VAL A 72 -5.86 -34.23 -13.01
N LYS A 73 -5.79 -34.21 -14.35
CA LYS A 73 -4.58 -33.78 -15.04
C LYS A 73 -4.46 -32.25 -14.97
N TYR A 74 -3.22 -31.76 -14.86
CA TYR A 74 -2.90 -30.35 -14.84
C TYR A 74 -1.52 -30.20 -15.46
N ALA A 75 -1.20 -28.99 -15.92
CA ALA A 75 0.12 -28.73 -16.52
C ALA A 75 0.54 -27.32 -16.20
N LEU A 76 1.82 -27.16 -15.86
CA LEU A 76 2.40 -25.86 -15.60
C LEU A 76 3.14 -25.42 -16.85
N GLY A 77 2.83 -24.21 -17.29
CA GLY A 77 3.46 -23.61 -18.43
C GLY A 77 4.82 -23.05 -18.05
N GLU A 78 5.53 -22.53 -19.06
CA GLU A 78 6.85 -21.89 -18.89
C GLU A 78 6.66 -20.60 -18.07
N ARG A 79 7.59 -20.29 -17.15
CA ARG A 79 7.51 -19.09 -16.34
C ARG A 79 7.62 -17.85 -17.24
N GLN A 80 6.79 -16.83 -16.97
CA GLN A 80 6.78 -15.56 -17.69
C GLN A 80 7.23 -14.46 -16.75
N SER A 81 8.52 -14.50 -16.38
CA SER A 81 9.15 -13.52 -15.49
C SER A 81 8.32 -13.27 -14.20
N TYR A 82 8.02 -11.99 -13.85
CA TYR A 82 7.30 -11.59 -12.65
C TYR A 82 5.84 -12.10 -12.61
N LYS A 83 5.26 -12.47 -13.78
CA LYS A 83 3.88 -12.99 -13.85
C LYS A 83 3.73 -14.41 -13.32
N GLY A 84 4.84 -15.13 -13.18
CA GLY A 84 4.81 -16.53 -12.75
C GLY A 84 4.52 -17.49 -13.89
N SER A 85 3.97 -18.67 -13.55
CA SER A 85 3.67 -19.73 -14.48
C SER A 85 2.19 -20.03 -14.53
N PRO A 86 1.61 -20.18 -15.74
CA PRO A 86 0.18 -20.54 -15.82
C PRO A 86 -0.02 -22.02 -15.49
N MET A 87 -1.11 -22.34 -14.82
CA MET A 87 -1.43 -23.71 -14.44
C MET A 87 -2.75 -24.06 -15.10
N GLU A 88 -2.71 -24.97 -16.08
CA GLU A 88 -3.93 -25.35 -16.78
C GLU A 88 -4.49 -26.63 -16.19
N ILE A 89 -5.77 -26.61 -15.81
CA ILE A 89 -6.41 -27.76 -15.18
C ILE A 89 -7.46 -28.38 -16.11
N SER A 90 -7.40 -29.70 -16.34
CA SER A 90 -8.35 -30.44 -17.20
C SER A 90 -9.53 -30.87 -16.36
N LEU A 91 -10.73 -30.36 -16.68
CA LEU A 91 -11.90 -30.72 -15.88
C LEU A 91 -12.37 -32.15 -16.19
N PRO A 92 -12.81 -32.93 -15.17
CA PRO A 92 -13.24 -34.32 -15.46
C PRO A 92 -14.53 -34.39 -16.26
N ILE A 93 -15.44 -33.39 -16.11
CA ILE A 93 -16.74 -33.31 -16.81
C ILE A 93 -16.95 -31.88 -17.32
N ALA A 94 -17.39 -31.75 -18.57
CA ALA A 94 -17.67 -30.45 -19.20
C ALA A 94 -18.77 -29.73 -18.38
N LEU A 95 -18.59 -28.41 -18.17
CA LEU A 95 -19.54 -27.60 -17.42
C LEU A 95 -20.44 -26.75 -18.31
N SER A 96 -21.71 -26.61 -17.92
CA SER A 96 -22.67 -25.74 -18.59
C SER A 96 -22.50 -24.33 -18.00
N LYS A 97 -23.08 -23.33 -18.64
CA LYS A 97 -22.98 -21.93 -18.14
C LYS A 97 -23.67 -21.84 -16.77
N ASN A 98 -23.01 -21.16 -15.80
CA ASN A 98 -23.48 -20.96 -14.42
C ASN A 98 -23.28 -22.16 -13.49
N GLN A 99 -22.79 -23.29 -14.03
CA GLN A 99 -22.53 -24.47 -13.20
C GLN A 99 -21.30 -24.21 -12.36
N GLU A 100 -21.31 -24.69 -11.12
CA GLU A 100 -20.19 -24.52 -10.19
C GLU A 100 -19.56 -25.83 -9.81
N ILE A 101 -18.26 -25.82 -9.60
CA ILE A 101 -17.52 -27.01 -9.12
C ILE A 101 -16.49 -26.57 -8.09
N VAL A 102 -16.04 -27.52 -7.28
CA VAL A 102 -15.00 -27.25 -6.28
C VAL A 102 -13.72 -27.95 -6.74
N ILE A 103 -12.65 -27.17 -6.88
CA ILE A 103 -11.33 -27.66 -7.30
C ILE A 103 -10.40 -27.52 -6.09
N GLU A 104 -9.93 -28.64 -5.55
CA GLU A 104 -9.04 -28.68 -4.39
C GLU A 104 -7.58 -28.86 -4.84
N ILE A 105 -6.77 -27.81 -4.70
CA ILE A 105 -5.37 -27.87 -5.11
C ILE A 105 -4.44 -28.04 -3.90
N SER A 106 -3.60 -29.09 -3.88
CA SER A 106 -2.62 -29.31 -2.81
C SER A 106 -1.33 -28.66 -3.27
N PHE A 107 -0.81 -27.71 -2.48
CA PHE A 107 0.37 -26.92 -2.86
C PHE A 107 1.28 -26.67 -1.68
N GLU A 108 2.44 -26.08 -2.00
CA GLU A 108 3.45 -25.63 -1.07
C GLU A 108 4.12 -24.39 -1.67
N THR A 109 4.39 -23.39 -0.83
CA THR A 109 5.05 -22.17 -1.33
C THR A 109 6.55 -22.38 -1.29
N SER A 110 7.27 -21.53 -2.01
CA SER A 110 8.72 -21.48 -1.98
C SER A 110 9.15 -20.56 -0.85
N PRO A 111 10.28 -20.83 -0.17
CA PRO A 111 10.79 -19.88 0.82
C PRO A 111 11.06 -18.48 0.25
N LYS A 112 11.28 -18.40 -1.08
CA LYS A 112 11.54 -17.15 -1.80
C LYS A 112 10.25 -16.50 -2.35
N SER A 113 9.06 -16.97 -1.91
CA SER A 113 7.76 -16.38 -2.34
C SER A 113 7.86 -14.87 -2.27
N SER A 114 7.49 -14.18 -3.36
CA SER A 114 7.56 -12.71 -3.37
C SER A 114 6.44 -12.05 -2.51
N ALA A 115 5.44 -12.83 -2.12
CA ALA A 115 4.32 -12.35 -1.31
C ALA A 115 4.69 -12.35 0.17
N LEU A 116 5.75 -13.06 0.57
CA LEU A 116 6.05 -13.27 1.97
C LEU A 116 7.39 -12.81 2.46
N GLN A 117 7.42 -12.44 3.74
CA GLN A 117 8.69 -12.24 4.43
C GLN A 117 8.71 -13.12 5.67
N TRP A 118 9.73 -13.99 5.79
CA TRP A 118 9.97 -14.86 6.93
C TRP A 118 11.05 -14.19 7.81
N LEU A 119 10.73 -13.93 9.08
CA LEU A 119 11.68 -13.28 10.00
C LEU A 119 12.15 -14.28 11.04
N THR A 120 13.45 -14.28 11.35
CA THR A 120 14.02 -15.12 12.40
C THR A 120 13.72 -14.40 13.73
N PRO A 121 13.81 -15.07 14.92
CA PRO A 121 13.57 -14.35 16.18
C PRO A 121 14.38 -13.05 16.39
N GLU A 122 15.67 -13.02 15.95
CA GLU A 122 16.57 -11.86 16.04
C GLU A 122 16.03 -10.62 15.31
N GLN A 123 15.24 -10.84 14.23
CA GLN A 123 14.61 -9.80 13.41
C GLN A 123 13.30 -9.23 14.00
N THR A 124 12.85 -9.74 15.15
CA THR A 124 11.59 -9.33 15.82
C THR A 124 11.87 -8.49 17.07
N SER A 125 10.82 -7.87 17.68
CA SER A 125 11.01 -7.08 18.92
C SER A 125 11.34 -7.97 20.11
N GLY A 126 10.64 -9.09 20.21
CA GLY A 126 10.72 -10.01 21.35
C GLY A 126 11.94 -10.88 21.40
N LYS A 127 12.55 -11.19 20.22
CA LYS A 127 13.78 -11.99 20.09
C LYS A 127 13.66 -13.48 20.46
N GLU A 128 12.43 -13.99 20.74
CA GLU A 128 12.24 -15.39 21.13
C GLU A 128 11.51 -16.23 20.09
N HIS A 129 10.69 -15.57 19.25
CA HIS A 129 9.86 -16.27 18.27
C HIS A 129 10.02 -15.73 16.84
N PRO A 130 9.86 -16.61 15.83
CA PRO A 130 9.90 -16.13 14.42
C PRO A 130 8.60 -15.41 14.07
N TYR A 131 8.51 -14.87 12.84
CA TYR A 131 7.36 -14.07 12.39
C TYR A 131 7.19 -14.19 10.86
N LEU A 132 5.96 -14.16 10.40
CA LEU A 132 5.67 -14.20 8.97
C LEU A 132 4.59 -13.20 8.65
N PHE A 133 4.71 -12.49 7.51
CA PHE A 133 3.64 -11.63 7.03
C PHE A 133 3.57 -11.64 5.51
N SER A 134 2.35 -11.46 4.97
CA SER A 134 2.10 -11.41 3.53
C SER A 134 1.86 -9.97 3.09
N GLN A 135 1.94 -9.77 1.76
CA GLN A 135 1.71 -8.50 1.08
C GLN A 135 1.41 -8.90 -0.38
N CYS A 136 0.12 -9.10 -0.67
CA CYS A 136 -0.32 -9.56 -1.98
C CYS A 136 -0.44 -8.50 -3.05
N GLN A 137 -0.77 -7.24 -2.70
CA GLN A 137 -0.91 -6.19 -3.70
C GLN A 137 0.44 -5.88 -4.40
N ALA A 138 0.49 -5.82 -5.76
CA ALA A 138 -0.61 -6.02 -6.70
C ALA A 138 -0.87 -7.47 -7.08
N ILE A 139 0.18 -8.15 -7.54
CA ILE A 139 0.06 -9.50 -8.12
C ILE A 139 0.94 -10.54 -7.42
N HIS A 140 0.91 -10.57 -6.09
CA HIS A 140 1.69 -11.53 -5.33
C HIS A 140 0.82 -12.63 -4.72
N CYS A 141 -0.55 -12.53 -4.79
CA CYS A 141 -1.37 -13.63 -4.26
C CYS A 141 -1.03 -14.97 -4.93
N ARG A 142 -0.64 -14.94 -6.24
CA ARG A 142 -0.23 -16.13 -7.00
C ARG A 142 1.05 -16.78 -6.43
N ALA A 143 1.83 -16.04 -5.60
CA ALA A 143 3.01 -16.61 -4.95
C ALA A 143 2.67 -17.25 -3.58
N ILE A 144 1.38 -17.20 -3.17
CA ILE A 144 0.83 -17.85 -1.97
C ILE A 144 -0.03 -19.04 -2.36
N LEU A 145 -0.92 -18.87 -3.35
CA LEU A 145 -1.82 -19.96 -3.74
C LEU A 145 -2.24 -19.84 -5.20
N PRO A 146 -2.66 -20.96 -5.82
CA PRO A 146 -3.15 -20.87 -7.21
C PRO A 146 -4.50 -20.17 -7.24
N CYS A 147 -4.63 -19.16 -8.10
CA CYS A 147 -5.84 -18.33 -8.17
C CYS A 147 -5.91 -17.59 -9.51
N GLN A 148 -7.08 -16.92 -9.76
CA GLN A 148 -7.26 -16.01 -10.89
C GLN A 148 -6.79 -14.70 -10.25
N ASP A 149 -5.49 -14.45 -10.32
CA ASP A 149 -4.87 -13.30 -9.63
C ASP A 149 -5.11 -11.99 -10.35
N THR A 150 -6.36 -11.54 -10.28
CA THR A 150 -6.84 -10.35 -10.98
C THR A 150 -7.90 -9.70 -10.16
N PRO A 151 -7.89 -8.35 -10.04
CA PRO A 151 -8.93 -7.67 -9.25
C PRO A 151 -10.30 -7.62 -9.93
N SER A 152 -10.40 -8.17 -11.17
CA SER A 152 -11.65 -8.22 -11.95
C SER A 152 -12.57 -9.36 -11.42
N VAL A 153 -12.05 -10.20 -10.51
CA VAL A 153 -12.79 -11.34 -9.92
C VAL A 153 -12.84 -11.11 -8.41
N LYS A 154 -14.06 -11.21 -7.83
CA LYS A 154 -14.24 -11.05 -6.39
C LYS A 154 -14.82 -12.32 -5.82
N LEU A 155 -14.27 -12.76 -4.70
CA LEU A 155 -14.65 -14.02 -4.04
C LEU A 155 -14.73 -13.88 -2.52
N THR A 156 -15.52 -14.73 -1.86
CA THR A 156 -15.53 -14.76 -0.40
C THR A 156 -14.47 -15.80 -0.02
N TYR A 157 -14.08 -15.85 1.27
CA TYR A 157 -13.17 -16.89 1.67
C TYR A 157 -13.34 -17.34 3.11
N THR A 158 -12.90 -18.58 3.36
CA THR A 158 -12.83 -19.15 4.70
C THR A 158 -11.42 -19.74 4.81
N ALA A 159 -10.85 -19.77 6.00
CA ALA A 159 -9.51 -20.31 6.16
C ALA A 159 -9.29 -20.93 7.53
N GLU A 160 -8.49 -22.00 7.58
CA GLU A 160 -8.05 -22.69 8.78
C GLU A 160 -6.52 -22.73 8.66
N VAL A 161 -5.83 -22.08 9.60
CA VAL A 161 -4.36 -21.98 9.54
C VAL A 161 -3.74 -22.62 10.78
N SER A 162 -2.89 -23.64 10.57
CA SER A 162 -2.18 -24.34 11.64
C SER A 162 -0.83 -23.69 11.87
N VAL A 163 -0.57 -23.33 13.12
CA VAL A 163 0.66 -22.63 13.51
C VAL A 163 1.22 -23.22 14.80
N PRO A 164 2.51 -23.00 15.15
CA PRO A 164 3.00 -23.46 16.47
C PRO A 164 2.15 -22.78 17.56
N LYS A 165 1.69 -23.56 18.56
CA LYS A 165 0.77 -23.13 19.63
C LYS A 165 1.11 -21.83 20.39
N GLU A 166 2.39 -21.48 20.48
CA GLU A 166 2.82 -20.26 21.19
C GLU A 166 2.56 -19.00 20.38
N LEU A 167 2.24 -19.15 19.08
CA LEU A 167 2.01 -18.01 18.17
C LEU A 167 0.53 -17.80 17.83
N VAL A 168 0.24 -16.66 17.19
CA VAL A 168 -1.11 -16.23 16.81
C VAL A 168 -1.12 -15.98 15.33
N ALA A 169 -2.15 -16.46 14.62
CA ALA A 169 -2.34 -16.17 13.20
C ALA A 169 -3.49 -15.16 13.09
N LEU A 170 -3.40 -14.19 12.15
CA LEU A 170 -4.48 -13.26 11.86
C LEU A 170 -4.61 -13.16 10.34
N MET A 171 -5.79 -12.86 9.85
CA MET A 171 -6.04 -12.69 8.41
C MET A 171 -6.96 -11.51 8.13
N SER A 172 -7.16 -11.18 6.82
CA SER A 172 -8.01 -10.10 6.34
C SER A 172 -9.47 -10.63 6.32
N ALA A 173 -9.95 -10.94 7.51
CA ALA A 173 -11.22 -11.62 7.71
C ALA A 173 -11.64 -11.55 9.17
N ILE A 174 -12.86 -12.02 9.46
CA ILE A 174 -13.35 -12.03 10.83
C ILE A 174 -12.81 -13.29 11.50
N ARG A 175 -12.26 -13.14 12.73
CA ARG A 175 -11.74 -14.26 13.53
C ARG A 175 -12.90 -15.19 13.88
N ASP A 176 -12.75 -16.49 13.57
CA ASP A 176 -13.83 -17.48 13.71
C ASP A 176 -13.46 -18.64 14.65
N GLY A 177 -12.65 -18.37 15.66
CA GLY A 177 -12.26 -19.36 16.65
C GLY A 177 -10.86 -19.94 16.53
N GLU A 178 -10.46 -20.67 17.57
CA GLU A 178 -9.17 -21.33 17.66
C GLU A 178 -9.31 -22.64 18.43
N THR A 179 -8.60 -23.68 17.99
CA THR A 179 -8.63 -25.01 18.65
C THR A 179 -7.21 -25.58 18.62
N PRO A 180 -6.86 -26.54 19.51
CA PRO A 180 -5.58 -27.23 19.35
C PRO A 180 -5.64 -27.98 18.02
N ASP A 181 -4.50 -28.15 17.34
CA ASP A 181 -4.51 -28.89 16.07
C ASP A 181 -4.73 -30.39 16.42
N PRO A 182 -5.78 -31.07 15.91
CA PRO A 182 -5.98 -32.50 16.25
C PRO A 182 -4.84 -33.38 15.75
N GLU A 183 -4.26 -33.04 14.58
CA GLU A 183 -3.15 -33.77 13.97
C GLU A 183 -1.80 -33.53 14.70
N ASP A 184 -1.71 -32.47 15.53
CA ASP A 184 -0.46 -32.10 16.23
C ASP A 184 -0.71 -31.25 17.49
N PRO A 185 -0.53 -31.84 18.70
CA PRO A 185 -0.74 -31.08 19.94
C PRO A 185 0.20 -29.90 20.19
N SER A 186 1.34 -29.80 19.47
CA SER A 186 2.27 -28.67 19.59
C SER A 186 1.78 -27.47 18.74
N ARG A 187 0.64 -27.64 18.05
CA ARG A 187 0.11 -26.63 17.14
C ARG A 187 -1.33 -26.22 17.48
N LYS A 188 -1.72 -25.04 16.98
CA LYS A 188 -3.07 -24.49 17.12
C LYS A 188 -3.59 -24.22 15.72
N ILE A 189 -4.90 -24.38 15.54
CA ILE A 189 -5.58 -23.99 14.32
C ILE A 189 -6.42 -22.73 14.60
N TYR A 190 -6.20 -21.66 13.80
CA TYR A 190 -6.96 -20.41 13.84
C TYR A 190 -7.88 -20.39 12.63
N LYS A 191 -9.17 -20.07 12.83
CA LYS A 191 -10.17 -20.05 11.77
C LYS A 191 -10.62 -18.64 11.43
N PHE A 192 -10.99 -18.41 10.15
CA PHE A 192 -11.33 -17.07 9.64
C PHE A 192 -12.46 -17.14 8.63
N ILE A 193 -13.25 -16.07 8.58
CA ILE A 193 -14.34 -15.94 7.62
C ILE A 193 -14.40 -14.54 7.02
N GLN A 194 -14.36 -14.46 5.69
CA GLN A 194 -14.53 -13.21 4.95
C GLN A 194 -15.80 -13.36 4.11
N LYS A 195 -16.94 -12.83 4.63
CA LYS A 195 -18.27 -12.96 3.99
C LYS A 195 -18.56 -11.92 2.89
N VAL A 196 -17.73 -10.88 2.80
CA VAL A 196 -17.90 -9.84 1.77
C VAL A 196 -16.98 -10.22 0.58
N PRO A 197 -17.51 -10.27 -0.67
CA PRO A 197 -16.63 -10.63 -1.81
C PRO A 197 -15.51 -9.61 -2.01
N ILE A 198 -14.29 -10.12 -2.14
CA ILE A 198 -13.09 -9.31 -2.30
C ILE A 198 -12.21 -9.79 -3.47
N PRO A 199 -11.44 -8.85 -4.06
CA PRO A 199 -10.39 -9.28 -5.01
C PRO A 199 -9.29 -10.01 -4.21
N CYS A 200 -8.62 -11.00 -4.82
CA CYS A 200 -7.63 -11.80 -4.11
C CYS A 200 -6.37 -11.03 -3.61
N TYR A 201 -6.08 -9.81 -4.13
CA TYR A 201 -4.95 -9.03 -3.61
C TYR A 201 -5.18 -8.59 -2.15
N LEU A 202 -6.43 -8.70 -1.69
CA LEU A 202 -6.83 -8.36 -0.33
C LEU A 202 -6.72 -9.51 0.68
N ILE A 203 -6.27 -10.69 0.23
CA ILE A 203 -6.03 -11.84 1.11
C ILE A 203 -4.73 -11.53 1.85
N ALA A 204 -4.74 -11.70 3.17
CA ALA A 204 -3.56 -11.38 3.96
C ALA A 204 -3.46 -12.30 5.16
N LEU A 205 -2.23 -12.58 5.56
CA LEU A 205 -1.88 -13.45 6.68
C LEU A 205 -0.69 -12.89 7.45
N VAL A 206 -0.75 -13.00 8.78
CA VAL A 206 0.36 -12.70 9.69
C VAL A 206 0.42 -13.83 10.71
N VAL A 207 1.64 -14.27 11.09
CA VAL A 207 1.81 -15.28 12.15
C VAL A 207 2.98 -14.78 13.02
N GLY A 208 2.74 -14.64 14.31
CA GLY A 208 3.77 -14.17 15.24
C GLY A 208 3.34 -14.10 16.68
N ALA A 209 4.25 -13.60 17.56
CA ALA A 209 3.96 -13.50 18.98
C ALA A 209 3.22 -12.17 19.17
N LEU A 210 1.92 -12.16 18.79
CA LEU A 210 1.05 -11.00 18.79
C LEU A 210 0.17 -10.87 20.02
N GLU A 211 -0.03 -9.62 20.45
CA GLU A 211 -0.90 -9.24 21.57
C GLU A 211 -1.84 -8.15 21.06
N SER A 212 -3.01 -7.99 21.70
CA SER A 212 -3.99 -7.01 21.27
C SER A 212 -4.43 -6.09 22.38
N ARG A 213 -4.87 -4.91 22.01
CA ARG A 213 -5.44 -3.96 22.95
C ARG A 213 -6.64 -3.31 22.26
N GLN A 214 -7.77 -3.22 22.96
CA GLN A 214 -8.93 -2.56 22.37
C GLN A 214 -8.73 -1.03 22.42
N ILE A 215 -9.05 -0.35 21.31
CA ILE A 215 -8.92 1.12 21.21
C ILE A 215 -10.21 1.80 20.75
N GLY A 216 -11.21 0.99 20.43
CA GLY A 216 -12.50 1.48 19.97
C GLY A 216 -13.57 0.39 19.97
N PRO A 217 -14.85 0.74 19.71
CA PRO A 217 -15.92 -0.29 19.74
C PRO A 217 -15.78 -1.41 18.69
N ARG A 218 -15.06 -1.13 17.60
CA ARG A 218 -14.86 -2.15 16.56
C ARG A 218 -13.39 -2.25 16.17
N THR A 219 -12.48 -1.91 17.08
CA THR A 219 -11.06 -1.89 16.74
C THR A 219 -10.14 -2.38 17.82
N LEU A 220 -9.32 -3.36 17.46
CA LEU A 220 -8.20 -3.78 18.29
C LEU A 220 -6.95 -3.38 17.54
N VAL A 221 -5.91 -3.03 18.28
CA VAL A 221 -4.59 -2.85 17.73
C VAL A 221 -3.79 -4.12 18.10
N TRP A 222 -3.07 -4.68 17.11
CA TRP A 222 -2.25 -5.88 17.30
C TRP A 222 -0.79 -5.56 16.97
N SER A 223 0.17 -6.11 17.77
CA SER A 223 1.61 -5.96 17.56
CA SER A 223 1.59 -6.01 17.52
C SER A 223 2.32 -6.87 18.53
N GLU A 224 3.66 -6.91 18.45
CA GLU A 224 4.40 -7.65 19.46
C GLU A 224 4.20 -6.81 20.75
N LYS A 225 4.25 -7.44 21.93
CA LYS A 225 4.03 -6.80 23.24
C LYS A 225 4.73 -5.43 23.39
N GLU A 226 5.97 -5.33 22.91
CA GLU A 226 6.79 -4.12 23.06
C GLU A 226 6.21 -2.86 22.40
N GLN A 227 5.36 -3.03 21.37
CA GLN A 227 4.76 -1.92 20.64
C GLN A 227 3.29 -1.65 20.96
N VAL A 228 2.62 -2.54 21.73
CA VAL A 228 1.19 -2.40 22.01
C VAL A 228 0.79 -1.03 22.62
N GLU A 229 1.48 -0.62 23.68
CA GLU A 229 1.14 0.63 24.39
C GLU A 229 1.25 1.86 23.50
N LYS A 230 2.39 2.00 22.80
CA LYS A 230 2.66 3.11 21.91
C LYS A 230 1.66 3.14 20.74
N SER A 231 1.33 1.96 20.19
CA SER A 231 0.38 1.82 19.08
C SER A 231 -1.04 2.24 19.44
N ALA A 232 -1.51 1.83 20.64
CA ALA A 232 -2.85 2.15 21.16
C ALA A 232 -3.03 3.67 21.24
N TYR A 233 -1.98 4.38 21.70
CA TYR A 233 -2.05 5.85 21.77
C TYR A 233 -1.97 6.45 20.39
N GLU A 234 -1.00 6.01 19.58
CA GLU A 234 -0.78 6.60 18.25
C GLU A 234 -2.01 6.60 17.38
N PHE A 235 -2.80 5.51 17.45
CA PHE A 235 -3.96 5.32 16.58
C PHE A 235 -5.29 5.51 17.27
N SER A 236 -5.31 6.25 18.39
CA SER A 236 -6.55 6.49 19.14
C SER A 236 -7.67 7.24 18.38
N GLU A 237 -7.33 8.00 17.32
CA GLU A 237 -8.36 8.72 16.50
C GLU A 237 -9.08 7.80 15.51
N THR A 238 -8.71 6.50 15.45
CA THR A 238 -9.31 5.53 14.51
C THR A 238 -10.84 5.53 14.48
N GLU A 239 -11.52 5.31 15.64
CA GLU A 239 -13.00 5.30 15.65
C GLU A 239 -13.61 6.61 15.12
N SER A 240 -13.06 7.79 15.52
CA SER A 240 -13.55 9.09 15.04
CA SER A 240 -13.54 9.11 15.04
C SER A 240 -13.42 9.19 13.51
N MET A 241 -12.32 8.64 12.95
CA MET A 241 -12.08 8.63 11.50
C MET A 241 -13.04 7.68 10.79
N LEU A 242 -13.33 6.52 11.43
CA LEU A 242 -14.32 5.58 10.87
C LEU A 242 -15.70 6.24 10.79
N LYS A 243 -16.12 6.95 11.85
CA LYS A 243 -17.44 7.63 11.87
C LYS A 243 -17.55 8.69 10.73
N ILE A 244 -16.49 9.48 10.52
CA ILE A 244 -16.48 10.49 9.44
C ILE A 244 -16.52 9.78 8.08
N ALA A 245 -15.70 8.72 7.91
CA ALA A 245 -15.69 7.97 6.66
C ALA A 245 -17.08 7.40 6.35
N GLU A 246 -17.80 6.89 7.37
CA GLU A 246 -19.18 6.38 7.16
C GLU A 246 -20.14 7.50 6.73
N ASP A 247 -19.97 8.71 7.25
CA ASP A 247 -20.81 9.83 6.86
C ASP A 247 -20.53 10.17 5.38
N LEU A 248 -19.24 10.07 4.95
CA LEU A 248 -18.87 10.41 3.58
C LEU A 248 -19.17 9.31 2.55
N GLY A 249 -19.00 8.05 2.93
CA GLY A 249 -19.14 6.96 1.98
C GLY A 249 -20.30 6.02 2.14
N GLY A 250 -21.02 6.15 3.24
CA GLY A 250 -22.13 5.25 3.54
C GLY A 250 -21.69 4.17 4.51
N PRO A 251 -22.55 3.17 4.80
CA PRO A 251 -22.18 2.16 5.81
C PRO A 251 -20.85 1.42 5.64
N TYR A 252 -20.16 1.22 6.76
CA TYR A 252 -18.94 0.41 6.85
C TYR A 252 -19.48 -1.04 6.86
N VAL A 253 -19.20 -1.83 5.82
CA VAL A 253 -19.84 -3.17 5.71
C VAL A 253 -19.00 -4.34 6.23
N TRP A 254 -17.78 -4.08 6.69
CA TRP A 254 -16.80 -5.10 7.01
C TRP A 254 -16.79 -5.72 8.41
N GLY A 255 -17.64 -5.21 9.30
CA GLY A 255 -17.74 -5.69 10.67
C GLY A 255 -16.70 -5.00 11.54
N GLN A 256 -15.53 -5.57 11.55
CA GLN A 256 -14.40 -5.13 12.38
C GLN A 256 -13.45 -4.20 11.60
N TYR A 257 -12.75 -3.32 12.32
CA TYR A 257 -11.68 -2.53 11.74
C TYR A 257 -10.49 -2.65 12.70
N ASP A 258 -9.67 -3.67 12.56
CA ASP A 258 -8.50 -3.83 13.42
C ASP A 258 -7.27 -3.28 12.72
N LEU A 259 -6.21 -3.01 13.51
CA LEU A 259 -4.93 -2.52 12.97
C LEU A 259 -3.82 -3.47 13.40
N LEU A 260 -2.91 -3.79 12.48
CA LEU A 260 -1.75 -4.62 12.82
C LEU A 260 -0.50 -3.78 12.54
N VAL A 261 0.37 -3.63 13.55
CA VAL A 261 1.61 -2.84 13.45
C VAL A 261 2.69 -3.86 13.23
N LEU A 262 3.19 -3.90 12.00
CA LEU A 262 4.14 -4.90 11.54
C LEU A 262 5.56 -4.61 12.01
N PRO A 263 6.50 -5.56 11.78
CA PRO A 263 7.91 -5.27 12.09
C PRO A 263 8.41 -4.19 11.12
N PRO A 264 9.59 -3.58 11.38
CA PRO A 264 10.04 -2.44 10.53
C PRO A 264 10.27 -2.67 9.04
N SER A 265 10.41 -3.93 8.60
CA SER A 265 10.62 -4.25 7.19
C SER A 265 9.35 -4.20 6.34
N PHE A 266 8.18 -3.92 6.96
CA PHE A 266 6.94 -3.82 6.18
C PHE A 266 7.16 -2.76 5.06
N PRO A 267 6.98 -3.11 3.76
CA PRO A 267 7.38 -2.17 2.70
C PRO A 267 6.53 -0.93 2.45
N TYR A 268 5.29 -0.89 2.96
CA TYR A 268 4.40 0.26 2.74
C TYR A 268 4.07 1.00 4.03
N GLY A 269 3.48 2.19 3.92
CA GLY A 269 2.99 2.94 5.08
C GLY A 269 1.77 2.25 5.65
N GLY A 270 0.90 1.78 4.76
CA GLY A 270 -0.27 0.99 5.14
C GLY A 270 -0.78 0.12 4.01
N MET A 271 -1.48 -0.99 4.33
CA MET A 271 -2.13 -1.84 3.32
C MET A 271 -3.53 -2.11 3.85
N GLU A 272 -4.54 -1.81 3.03
CA GLU A 272 -5.96 -1.82 3.37
C GLU A 272 -6.62 -3.21 3.45
N ASN A 273 -5.92 -4.21 4.00
CA ASN A 273 -6.48 -5.57 4.10
C ASN A 273 -7.78 -5.52 4.90
N PRO A 274 -8.89 -6.02 4.31
CA PRO A 274 -10.20 -5.86 4.97
C PRO A 274 -10.25 -6.52 6.34
N CYS A 275 -10.81 -5.81 7.35
CA CYS A 275 -10.92 -6.19 8.76
C CYS A 275 -9.62 -6.05 9.52
N LEU A 276 -8.49 -5.95 8.81
CA LEU A 276 -7.17 -5.91 9.42
C LEU A 276 -6.17 -5.09 8.62
N THR A 277 -6.23 -3.76 8.77
CA THR A 277 -5.25 -2.88 8.11
C THR A 277 -3.87 -3.18 8.68
N PHE A 278 -2.87 -3.27 7.79
CA PHE A 278 -1.46 -3.49 8.14
C PHE A 278 -0.76 -2.14 8.07
N VAL A 279 0.06 -1.80 9.08
CA VAL A 279 0.78 -0.51 9.10
C VAL A 279 2.24 -0.67 9.48
N THR A 280 3.05 0.29 9.04
CA THR A 280 4.47 0.35 9.36
C THR A 280 4.62 0.88 10.81
N PRO A 281 5.62 0.37 11.56
CA PRO A 281 5.90 0.96 12.88
C PRO A 281 6.55 2.34 12.76
N THR A 282 6.90 2.79 11.52
CA THR A 282 7.43 4.16 11.34
C THR A 282 6.32 5.22 11.56
N LEU A 283 5.03 4.80 11.73
CA LEU A 283 3.98 5.78 12.08
C LEU A 283 4.06 6.19 13.55
N LEU A 284 4.80 5.42 14.36
CA LEU A 284 4.86 5.61 15.81
C LEU A 284 5.70 6.85 16.22
N ALA A 285 5.23 8.05 15.83
CA ALA A 285 5.94 9.31 16.11
C ALA A 285 5.79 9.81 17.57
N GLY A 286 4.77 9.30 18.28
CA GLY A 286 4.48 9.64 19.67
C GLY A 286 3.48 10.78 19.83
N ASP A 287 3.02 11.39 18.73
CA ASP A 287 2.09 12.53 18.82
C ASP A 287 0.88 12.43 17.88
N LYS A 288 0.66 11.25 17.24
CA LYS A 288 -0.47 10.98 16.31
C LYS A 288 -0.34 11.80 15.00
N SER A 289 0.80 12.50 14.76
CA SER A 289 0.98 13.35 13.56
C SER A 289 0.93 12.61 12.21
N LEU A 290 1.21 11.31 12.19
CA LEU A 290 1.19 10.54 10.93
C LEU A 290 -0.11 9.75 10.75
N SER A 291 -1.18 10.19 11.42
CA SER A 291 -2.51 9.54 11.38
C SER A 291 -3.21 9.60 10.03
N ASN A 292 -2.74 10.47 9.10
CA ASN A 292 -3.39 10.51 7.78
C ASN A 292 -3.23 9.14 7.08
N VAL A 293 -2.16 8.39 7.41
CA VAL A 293 -1.95 7.06 6.83
C VAL A 293 -3.13 6.14 7.26
N ILE A 294 -3.62 6.30 8.51
CA ILE A 294 -4.77 5.50 8.97
C ILE A 294 -6.04 5.96 8.22
N ALA A 295 -6.24 7.29 8.10
CA ALA A 295 -7.39 7.87 7.39
C ALA A 295 -7.43 7.32 5.93
N HIS A 296 -6.26 7.16 5.29
CA HIS A 296 -6.12 6.60 3.94
C HIS A 296 -6.59 5.12 3.94
N GLN A 297 -6.07 4.30 4.87
CA GLN A 297 -6.46 2.88 4.91
C GLN A 297 -7.95 2.71 5.17
N ILE A 298 -8.49 3.50 6.10
CA ILE A 298 -9.91 3.49 6.41
C ILE A 298 -10.71 3.79 5.14
N SER A 299 -10.34 4.88 4.40
CA SER A 299 -11.05 5.28 3.16
C SER A 299 -11.14 4.15 2.14
N HIS A 300 -10.10 3.29 2.04
CA HIS A 300 -10.09 2.13 1.11
C HIS A 300 -11.24 1.12 1.37
N SER A 301 -11.83 1.15 2.58
CA SER A 301 -13.00 0.31 2.92
C SER A 301 -14.19 0.59 1.97
N TRP A 302 -14.15 1.74 1.27
CA TRP A 302 -15.13 2.15 0.29
C TRP A 302 -14.48 2.17 -1.12
N THR A 303 -13.49 3.05 -1.31
CA THR A 303 -12.78 3.24 -2.60
C THR A 303 -11.55 2.32 -2.69
N GLY A 304 -11.74 1.17 -3.32
CA GLY A 304 -10.72 0.14 -3.44
C GLY A 304 -11.26 -1.22 -3.05
N ASN A 305 -11.76 -1.37 -1.81
CA ASN A 305 -12.25 -2.66 -1.32
C ASN A 305 -13.70 -2.96 -1.70
N LEU A 306 -14.54 -1.92 -1.84
CA LEU A 306 -15.94 -2.06 -2.25
C LEU A 306 -16.03 -1.80 -3.75
N VAL A 307 -15.53 -0.63 -4.21
CA VAL A 307 -15.45 -0.31 -5.64
C VAL A 307 -13.98 -0.58 -5.96
N THR A 308 -13.71 -1.53 -6.88
CA THR A 308 -12.32 -1.91 -7.13
C THR A 308 -11.88 -1.65 -8.57
N ASN A 309 -10.58 -1.35 -8.79
CA ASN A 309 -10.05 -1.20 -10.16
C ASN A 309 -10.13 -2.58 -10.86
N LYS A 310 -10.66 -2.62 -12.10
CA LYS A 310 -10.81 -3.87 -12.86
C LYS A 310 -9.45 -4.49 -13.21
N THR A 311 -8.46 -3.64 -13.51
CA THR A 311 -7.08 -4.07 -13.81
C THR A 311 -6.17 -3.04 -13.17
N TRP A 312 -4.88 -3.37 -13.03
CA TRP A 312 -3.89 -2.46 -12.46
C TRP A 312 -3.62 -1.22 -13.30
N ASP A 313 -4.03 -1.21 -14.57
CA ASP A 313 -3.90 -0.01 -15.42
C ASP A 313 -4.74 1.11 -14.84
N HIS A 314 -5.83 0.76 -14.13
CA HIS A 314 -6.78 1.72 -13.56
C HIS A 314 -6.59 1.93 -12.05
N PHE A 315 -5.38 1.65 -11.53
CA PHE A 315 -5.02 1.79 -10.10
C PHE A 315 -5.34 3.16 -9.52
N TRP A 316 -5.29 4.24 -10.35
CA TRP A 316 -5.63 5.60 -9.89
C TRP A 316 -7.05 5.67 -9.34
N LEU A 317 -7.97 4.81 -9.82
CA LEU A 317 -9.34 4.80 -9.28
C LEU A 317 -9.35 4.49 -7.81
N ASN A 318 -8.59 3.45 -7.40
CA ASN A 318 -8.41 3.08 -6.01
C ASN A 318 -7.69 4.19 -5.24
N GLU A 319 -6.54 4.64 -5.75
CA GLU A 319 -5.71 5.60 -5.00
C GLU A 319 -6.15 7.02 -4.96
N GLY A 320 -6.50 7.57 -6.13
CA GLY A 320 -6.96 8.95 -6.23
C GLY A 320 -8.19 9.22 -5.38
N HIS A 321 -9.23 8.36 -5.47
CA HIS A 321 -10.44 8.56 -4.65
C HIS A 321 -10.16 8.39 -3.16
N THR A 322 -9.26 7.45 -2.80
CA THR A 322 -8.89 7.22 -1.38
C THR A 322 -8.19 8.46 -0.81
N VAL A 323 -7.23 9.03 -1.56
CA VAL A 323 -6.50 10.23 -1.11
C VAL A 323 -7.52 11.38 -0.97
N TYR A 324 -8.49 11.45 -1.91
CA TYR A 324 -9.51 12.49 -1.86
C TYR A 324 -10.34 12.32 -0.56
N LEU A 325 -10.79 11.11 -0.25
CA LEU A 325 -11.54 10.84 0.98
C LEU A 325 -10.69 11.05 2.24
N GLU A 326 -9.40 10.62 2.21
CA GLU A 326 -8.42 10.77 3.30
C GLU A 326 -8.30 12.26 3.68
N ARG A 327 -8.13 13.12 2.66
CA ARG A 327 -7.98 14.59 2.88
C ARG A 327 -9.24 15.26 3.42
N HIS A 328 -10.41 14.72 3.03
CA HIS A 328 -11.68 15.16 3.62
C HIS A 328 -11.80 14.73 5.08
N ILE A 329 -11.33 13.52 5.44
CA ILE A 329 -11.40 13.07 6.85
C ILE A 329 -10.55 13.98 7.73
N CYS A 330 -9.30 14.22 7.30
CA CYS A 330 -8.41 15.09 8.06
C CYS A 330 -8.92 16.55 8.08
N GLY A 331 -9.60 16.97 7.01
CA GLY A 331 -10.24 18.27 6.90
C GLY A 331 -11.38 18.42 7.89
N ARG A 332 -12.18 17.34 8.08
CA ARG A 332 -13.28 17.37 9.08
C ARG A 332 -12.75 17.40 10.50
N LEU A 333 -11.65 16.70 10.77
CA LEU A 333 -11.04 16.69 12.10
C LEU A 333 -10.28 17.96 12.44
N PHE A 334 -9.52 18.52 11.46
CA PHE A 334 -8.61 19.66 11.66
C PHE A 334 -8.86 20.96 10.90
N GLY A 335 -9.95 21.01 10.12
CA GLY A 335 -10.33 22.23 9.42
C GLY A 335 -9.96 22.24 7.95
N GLU A 336 -10.70 23.06 7.19
CA GLU A 336 -10.56 23.20 5.75
C GLU A 336 -9.18 23.75 5.34
N LYS A 337 -8.59 24.68 6.13
CA LYS A 337 -7.25 25.21 5.82
C LYS A 337 -6.20 24.06 5.84
N PHE A 338 -6.40 23.06 6.71
CA PHE A 338 -5.51 21.89 6.81
C PHE A 338 -5.67 20.97 5.60
N ARG A 339 -6.93 20.78 5.10
CA ARG A 339 -7.14 19.97 3.90
C ARG A 339 -6.41 20.63 2.73
N HIS A 340 -6.52 21.96 2.59
CA HIS A 340 -5.79 22.67 1.52
C HIS A 340 -4.30 22.54 1.65
N PHE A 341 -3.77 22.59 2.91
CA PHE A 341 -2.35 22.45 3.20
C PHE A 341 -1.85 21.07 2.70
N ASN A 342 -2.59 20.00 3.02
CA ASN A 342 -2.23 18.65 2.57
C ASN A 342 -2.37 18.48 1.10
N ALA A 343 -3.38 19.12 0.50
CA ALA A 343 -3.62 19.05 -0.94
C ALA A 343 -2.44 19.71 -1.67
N LEU A 344 -1.99 20.88 -1.17
CA LEU A 344 -0.87 21.62 -1.75
C LEU A 344 0.44 20.84 -1.59
N GLY A 345 0.62 20.20 -0.44
CA GLY A 345 1.76 19.32 -0.18
C GLY A 345 1.82 18.17 -1.20
N GLY A 346 0.66 17.59 -1.49
CA GLY A 346 0.52 16.53 -2.46
C GLY A 346 0.88 16.96 -3.88
N TRP A 347 0.55 18.21 -4.24
CA TRP A 347 0.97 18.74 -5.55
C TRP A 347 2.52 18.78 -5.63
N GLY A 348 3.19 19.15 -4.54
CA GLY A 348 4.64 19.19 -4.45
C GLY A 348 5.27 17.80 -4.64
N GLU A 349 4.64 16.78 -4.03
CA GLU A 349 5.05 15.38 -4.16
C GLU A 349 4.90 14.94 -5.63
N LEU A 350 3.84 15.42 -6.29
CA LEU A 350 3.63 15.13 -7.71
C LEU A 350 4.73 15.81 -8.57
N GLN A 351 5.10 17.06 -8.22
CA GLN A 351 6.17 17.78 -8.93
C GLN A 351 7.46 16.94 -8.86
N ASN A 352 7.77 16.41 -7.66
CA ASN A 352 8.95 15.57 -7.40
C ASN A 352 8.95 14.29 -8.20
N SER A 353 7.80 13.58 -8.28
CA SER A 353 7.70 12.32 -9.03
C SER A 353 7.93 12.53 -10.51
N VAL A 354 7.33 13.60 -11.07
CA VAL A 354 7.44 13.95 -12.48
C VAL A 354 8.89 14.32 -12.81
N LYS A 355 9.56 15.04 -11.89
CA LYS A 355 10.96 15.44 -12.07
C LYS A 355 11.87 14.19 -12.07
N THR A 356 11.64 13.26 -11.14
CA THR A 356 12.40 12.01 -11.00
C THR A 356 12.29 11.12 -12.27
N PHE A 357 11.05 10.86 -12.76
CA PHE A 357 10.83 10.02 -13.95
C PHE A 357 11.14 10.75 -15.24
N GLY A 358 10.85 12.05 -15.27
CA GLY A 358 10.96 12.89 -16.46
C GLY A 358 9.55 13.14 -16.97
N GLU A 359 9.31 14.34 -17.51
CA GLU A 359 7.97 14.76 -17.97
C GLU A 359 7.33 13.97 -19.15
N THR A 360 8.13 13.16 -19.88
CA THR A 360 7.62 12.36 -20.98
C THR A 360 7.50 10.88 -20.57
N HIS A 361 7.93 10.53 -19.32
CA HIS A 361 7.92 9.14 -18.86
C HIS A 361 6.52 8.54 -18.80
N PRO A 362 6.32 7.34 -19.41
CA PRO A 362 4.99 6.69 -19.37
C PRO A 362 4.42 6.41 -17.98
N PHE A 363 5.29 6.26 -16.95
CA PHE A 363 4.82 6.03 -15.57
C PHE A 363 4.19 7.30 -14.93
N THR A 364 4.28 8.47 -15.63
CA THR A 364 3.69 9.72 -15.14
C THR A 364 2.27 9.90 -15.70
N LYS A 365 1.83 8.97 -16.58
CA LYS A 365 0.47 8.97 -17.10
C LYS A 365 -0.44 8.48 -15.96
N LEU A 366 -1.67 9.01 -15.87
CA LEU A 366 -2.63 8.59 -14.85
C LEU A 366 -3.06 7.14 -15.10
N VAL A 367 -3.44 6.82 -16.34
CA VAL A 367 -3.81 5.46 -16.77
C VAL A 367 -2.57 4.93 -17.51
N VAL A 368 -2.03 3.82 -17.02
CA VAL A 368 -0.80 3.23 -17.54
C VAL A 368 -1.03 1.90 -18.21
N ASP A 369 -0.29 1.57 -19.26
CA ASP A 369 -0.44 0.25 -19.88
C ASP A 369 0.61 -0.66 -19.24
N LEU A 370 0.17 -1.55 -18.33
CA LEU A 370 1.07 -2.46 -17.62
C LEU A 370 1.36 -3.82 -18.27
N THR A 371 1.02 -4.01 -19.56
CA THR A 371 1.39 -5.26 -20.27
C THR A 371 2.95 -5.23 -20.27
N ASP A 372 3.59 -6.31 -19.81
CA ASP A 372 5.08 -6.37 -19.75
C ASP A 372 5.78 -5.44 -18.75
N ILE A 373 5.03 -4.80 -17.84
CA ILE A 373 5.61 -3.94 -16.79
C ILE A 373 5.25 -4.55 -15.44
N ASP A 374 6.27 -4.77 -14.60
CA ASP A 374 6.04 -5.27 -13.26
C ASP A 374 5.33 -4.14 -12.46
N PRO A 375 4.10 -4.33 -11.91
CA PRO A 375 3.46 -3.23 -11.16
C PRO A 375 4.32 -2.66 -10.02
N ASP A 376 5.22 -3.47 -9.41
CA ASP A 376 6.10 -3.01 -8.33
C ASP A 376 7.12 -1.98 -8.83
N VAL A 377 7.54 -2.10 -10.10
CA VAL A 377 8.49 -1.17 -10.76
C VAL A 377 7.76 0.16 -11.13
N ALA A 378 6.50 0.07 -11.56
CA ALA A 378 5.70 1.24 -11.98
C ALA A 378 5.11 2.03 -10.81
N TYR A 379 5.12 1.44 -9.61
CA TYR A 379 4.57 2.08 -8.42
C TYR A 379 5.27 3.40 -8.08
N SER A 380 4.47 4.47 -7.88
CA SER A 380 4.94 5.83 -7.54
C SER A 380 3.79 6.66 -6.94
N SER A 381 4.05 7.96 -6.68
CA SER A 381 3.08 8.92 -6.15
C SER A 381 2.09 9.41 -7.22
N VAL A 382 2.38 9.13 -8.50
CA VAL A 382 1.56 9.57 -9.63
C VAL A 382 0.08 9.19 -9.50
N PRO A 383 -0.31 7.89 -9.36
CA PRO A 383 -1.75 7.58 -9.28
C PRO A 383 -2.43 8.21 -8.07
N TYR A 384 -1.69 8.40 -6.95
CA TYR A 384 -2.13 9.05 -5.73
C TYR A 384 -2.38 10.54 -5.97
N GLU A 385 -1.34 11.26 -6.37
CA GLU A 385 -1.36 12.72 -6.50
C GLU A 385 -1.94 13.27 -7.77
N LYS A 386 -1.66 12.64 -8.94
CA LYS A 386 -2.30 13.12 -10.16
C LYS A 386 -3.80 12.74 -10.08
N GLY A 387 -4.10 11.60 -9.48
CA GLY A 387 -5.49 11.16 -9.27
C GLY A 387 -6.22 12.13 -8.37
N PHE A 388 -5.59 12.47 -7.20
CA PHE A 388 -6.16 13.43 -6.27
C PHE A 388 -6.37 14.78 -6.96
N ALA A 389 -5.33 15.28 -7.68
CA ALA A 389 -5.39 16.61 -8.36
C ALA A 389 -6.54 16.68 -9.35
N LEU A 390 -6.82 15.60 -10.06
CA LEU A 390 -7.96 15.54 -10.98
C LEU A 390 -9.30 15.71 -10.26
N LEU A 391 -9.48 14.99 -9.15
CA LEU A 391 -10.72 15.08 -8.38
C LEU A 391 -10.87 16.42 -7.70
N PHE A 392 -9.75 17.00 -7.23
CA PHE A 392 -9.78 18.31 -6.56
C PHE A 392 -10.13 19.41 -7.60
N TYR A 393 -9.58 19.28 -8.81
CA TYR A 393 -9.87 20.17 -9.96
C TYR A 393 -11.37 20.08 -10.30
N LEU A 394 -11.90 18.84 -10.38
CA LEU A 394 -13.32 18.60 -10.67
C LEU A 394 -14.22 19.18 -9.57
N GLU A 395 -13.84 19.01 -8.30
CA GLU A 395 -14.58 19.55 -7.16
C GLU A 395 -14.76 21.09 -7.35
N GLN A 396 -13.67 21.77 -7.70
CA GLN A 396 -13.66 23.24 -7.90
C GLN A 396 -14.49 23.68 -9.09
N LEU A 397 -14.41 22.91 -10.18
CA LEU A 397 -15.13 23.14 -11.43
C LEU A 397 -16.64 22.94 -11.24
N LEU A 398 -17.01 21.91 -10.48
CA LEU A 398 -18.39 21.48 -10.27
C LEU A 398 -19.23 22.10 -9.15
N GLY A 399 -18.66 23.03 -8.38
CA GLY A 399 -19.44 23.72 -7.35
C GLY A 399 -19.02 23.53 -5.90
N GLY A 400 -17.86 22.89 -5.68
CA GLY A 400 -17.34 22.74 -4.33
C GLY A 400 -17.42 21.36 -3.67
N PRO A 401 -16.82 21.28 -2.46
CA PRO A 401 -16.75 19.98 -1.76
C PRO A 401 -18.05 19.30 -1.40
N GLU A 402 -19.08 20.03 -0.95
CA GLU A 402 -20.38 19.43 -0.61
C GLU A 402 -21.01 18.75 -1.82
N ILE A 403 -20.97 19.41 -2.99
CA ILE A 403 -21.49 18.88 -4.25
C ILE A 403 -20.68 17.67 -4.71
N PHE A 404 -19.32 17.77 -4.72
CA PHE A 404 -18.47 16.66 -5.12
C PHE A 404 -18.55 15.45 -4.22
N LEU A 405 -18.71 15.65 -2.89
CA LEU A 405 -18.91 14.53 -1.95
C LEU A 405 -20.24 13.81 -2.22
N GLY A 406 -21.24 14.51 -2.75
CA GLY A 406 -22.52 13.87 -3.12
C GLY A 406 -22.29 12.89 -4.27
N PHE A 407 -21.41 13.27 -5.22
CA PHE A 407 -21.02 12.39 -6.33
C PHE A 407 -20.24 11.18 -5.79
N LEU A 408 -19.26 11.39 -4.89
CA LEU A 408 -18.47 10.27 -4.35
C LEU A 408 -19.35 9.20 -3.66
N LYS A 409 -20.34 9.63 -2.88
CA LYS A 409 -21.25 8.70 -2.20
C LYS A 409 -22.11 7.92 -3.20
N ALA A 410 -22.63 8.61 -4.24
CA ALA A 410 -23.44 7.97 -5.28
C ALA A 410 -22.58 6.96 -6.07
N TYR A 411 -21.29 7.31 -6.36
CA TYR A 411 -20.30 6.49 -7.06
C TYR A 411 -20.02 5.19 -6.30
N VAL A 412 -19.77 5.30 -4.99
CA VAL A 412 -19.57 4.13 -4.12
C VAL A 412 -20.81 3.24 -4.12
N GLU A 413 -22.01 3.84 -3.99
CA GLU A 413 -23.26 3.09 -3.99
C GLU A 413 -23.47 2.33 -5.31
N LYS A 414 -23.27 3.04 -6.43
CA LYS A 414 -23.43 2.49 -7.78
C LYS A 414 -22.53 1.27 -8.05
N PHE A 415 -21.27 1.39 -7.69
CA PHE A 415 -20.28 0.37 -8.00
C PHE A 415 -19.86 -0.57 -6.85
N SER A 416 -20.54 -0.52 -5.69
CA SER A 416 -20.25 -1.43 -4.58
C SER A 416 -20.22 -2.90 -5.03
N TYR A 417 -19.16 -3.65 -4.59
CA TYR A 417 -18.97 -5.09 -4.90
C TYR A 417 -18.61 -5.35 -6.36
N LYS A 418 -18.26 -4.29 -7.11
CA LYS A 418 -17.90 -4.45 -8.53
C LYS A 418 -16.48 -4.02 -8.79
N SER A 419 -15.98 -4.35 -9.99
CA SER A 419 -14.64 -3.98 -10.48
C SER A 419 -14.87 -3.17 -11.77
N ILE A 420 -14.32 -1.95 -11.82
CA ILE A 420 -14.58 -0.97 -12.88
C ILE A 420 -13.32 -0.40 -13.54
N THR A 421 -13.48 0.23 -14.72
CA THR A 421 -12.40 0.90 -15.45
C THR A 421 -12.58 2.42 -15.35
N THR A 422 -11.59 3.18 -15.86
CA THR A 422 -11.63 4.65 -15.96
C THR A 422 -12.88 5.08 -16.78
N ASP A 423 -13.22 4.34 -17.85
CA ASP A 423 -14.41 4.64 -18.67
C ASP A 423 -15.72 4.50 -17.92
N ASP A 424 -15.84 3.48 -17.02
CA ASP A 424 -17.02 3.29 -16.17
C ASP A 424 -17.16 4.49 -15.23
N TRP A 425 -16.03 4.94 -14.62
CA TRP A 425 -16.02 6.08 -13.70
C TRP A 425 -16.45 7.35 -14.45
N LYS A 426 -15.88 7.59 -15.65
CA LYS A 426 -16.14 8.80 -16.45
C LYS A 426 -17.59 8.89 -16.91
N ASP A 427 -18.15 7.77 -17.34
CA ASP A 427 -19.54 7.65 -17.76
C ASP A 427 -20.48 8.00 -16.59
N PHE A 428 -20.21 7.46 -15.37
CA PHE A 428 -21.04 7.76 -14.20
C PHE A 428 -20.91 9.22 -13.81
N LEU A 429 -19.68 9.79 -13.87
CA LEU A 429 -19.44 11.21 -13.57
C LEU A 429 -20.32 12.07 -14.47
N TYR A 430 -20.33 11.76 -15.79
CA TYR A 430 -21.16 12.48 -16.79
C TYR A 430 -22.65 12.30 -16.53
N SER A 431 -23.05 11.10 -16.09
CA SER A 431 -24.45 10.82 -15.78
C SER A 431 -24.90 11.61 -14.55
N TYR A 432 -24.14 11.52 -13.43
CA TYR A 432 -24.44 12.24 -12.20
C TYR A 432 -24.53 13.76 -12.42
N PHE A 433 -23.55 14.31 -13.17
CA PHE A 433 -23.43 15.74 -13.46
C PHE A 433 -23.99 16.12 -14.84
N LYS A 434 -25.06 15.43 -15.28
CA LYS A 434 -25.74 15.70 -16.57
C LYS A 434 -26.11 17.18 -16.79
N ASP A 435 -26.51 17.90 -15.73
CA ASP A 435 -26.84 19.33 -15.79
C ASP A 435 -25.61 20.23 -15.88
N LYS A 436 -24.40 19.66 -15.74
CA LYS A 436 -23.14 20.40 -15.83
C LYS A 436 -22.19 19.80 -16.91
N VAL A 437 -22.75 19.13 -17.93
CA VAL A 437 -21.95 18.53 -19.03
C VAL A 437 -21.11 19.57 -19.81
N ASP A 438 -21.62 20.83 -19.94
CA ASP A 438 -20.90 21.92 -20.61
C ASP A 438 -19.60 22.21 -19.87
N VAL A 439 -19.64 22.17 -18.51
CA VAL A 439 -18.47 22.36 -17.65
C VAL A 439 -17.52 21.17 -17.83
N LEU A 440 -18.07 19.93 -17.79
CA LEU A 440 -17.29 18.68 -17.94
C LEU A 440 -16.59 18.60 -19.29
N ASN A 441 -17.22 19.14 -20.37
CA ASN A 441 -16.63 19.17 -21.71
C ASN A 441 -15.43 20.12 -21.89
N GLN A 442 -15.16 20.99 -20.89
CA GLN A 442 -14.01 21.89 -20.85
C GLN A 442 -12.77 21.17 -20.33
N VAL A 443 -12.96 20.03 -19.66
CA VAL A 443 -11.81 19.28 -19.14
C VAL A 443 -11.03 18.65 -20.31
N ASP A 444 -9.69 18.77 -20.28
CA ASP A 444 -8.86 18.15 -21.32
C ASP A 444 -8.65 16.70 -20.84
N TRP A 445 -9.61 15.83 -21.14
CA TRP A 445 -9.60 14.44 -20.72
C TRP A 445 -8.40 13.65 -21.20
N ASN A 446 -8.03 13.84 -22.49
CA ASN A 446 -6.88 13.14 -23.07
C ASN A 446 -5.62 13.45 -22.31
N ALA A 447 -5.40 14.74 -21.94
CA ALA A 447 -4.22 15.18 -21.19
C ALA A 447 -4.21 14.65 -19.76
N TRP A 448 -5.31 14.84 -19.02
CA TRP A 448 -5.45 14.40 -17.63
C TRP A 448 -5.24 12.89 -17.46
N LEU A 449 -5.95 12.10 -18.27
CA LEU A 449 -5.91 10.64 -18.17
C LEU A 449 -4.75 9.91 -18.85
N TYR A 450 -4.34 10.37 -20.05
CA TYR A 450 -3.40 9.63 -20.89
C TYR A 450 -2.05 10.26 -21.22
N SER A 451 -1.84 11.54 -20.86
CA SER A 451 -0.59 12.24 -21.15
C SER A 451 0.41 12.19 -20.01
N PRO A 452 1.73 12.09 -20.31
CA PRO A 452 2.73 12.15 -19.24
C PRO A 452 2.90 13.59 -18.70
N GLY A 453 3.67 13.71 -17.62
CA GLY A 453 4.03 14.98 -17.02
C GLY A 453 3.02 15.57 -16.06
N LEU A 454 3.20 16.86 -15.74
CA LEU A 454 2.29 17.55 -14.82
C LEU A 454 0.93 17.75 -15.52
N PRO A 455 -0.21 17.72 -14.77
CA PRO A 455 -1.50 17.92 -15.43
C PRO A 455 -1.62 19.30 -16.07
N PRO A 456 -2.52 19.48 -17.05
CA PRO A 456 -2.59 20.77 -17.76
C PRO A 456 -3.05 21.97 -16.93
N ILE A 457 -3.80 21.72 -15.86
CA ILE A 457 -4.32 22.75 -14.96
C ILE A 457 -3.91 22.45 -13.53
N LYS A 458 -3.51 23.49 -12.79
CA LYS A 458 -3.21 23.35 -11.37
C LYS A 458 -4.42 23.90 -10.60
N PRO A 459 -4.99 23.11 -9.66
CA PRO A 459 -6.15 23.63 -8.88
C PRO A 459 -5.82 24.87 -8.02
N ASN A 460 -6.86 25.48 -7.42
CA ASN A 460 -6.68 26.62 -6.52
C ASN A 460 -6.52 26.12 -5.07
N TYR A 461 -5.43 26.53 -4.40
CA TYR A 461 -5.15 26.10 -3.03
C TYR A 461 -5.05 27.28 -2.08
N ASP A 462 -5.75 27.18 -0.93
CA ASP A 462 -5.61 28.14 0.16
C ASP A 462 -4.15 27.95 0.65
N MET A 463 -3.43 29.05 0.87
CA MET A 463 -2.02 28.95 1.24
C MET A 463 -1.73 29.35 2.68
N THR A 464 -2.77 29.63 3.47
CA THR A 464 -2.65 30.08 4.87
C THR A 464 -1.60 29.35 5.71
N LEU A 465 -1.68 28.00 5.78
CA LEU A 465 -0.75 27.22 6.60
C LEU A 465 0.59 26.97 5.93
N THR A 466 0.64 27.11 4.60
CA THR A 466 1.86 26.87 3.82
C THR A 466 2.81 28.08 3.84
N ASN A 467 2.25 29.29 3.93
CA ASN A 467 3.02 30.56 3.90
C ASN A 467 4.26 30.60 4.80
N ALA A 468 4.12 30.26 6.11
CA ALA A 468 5.24 30.28 7.06
C ALA A 468 6.37 29.29 6.62
N CYS A 469 5.99 28.12 6.03
CA CYS A 469 6.94 27.11 5.52
C CYS A 469 7.75 27.65 4.37
N ILE A 470 7.08 28.26 3.40
CA ILE A 470 7.72 28.86 2.23
C ILE A 470 8.63 29.98 2.67
N ALA A 471 8.12 30.88 3.54
CA ALA A 471 8.90 32.03 4.02
C ALA A 471 10.22 31.58 4.67
N LEU A 472 10.18 30.56 5.55
CA LEU A 472 11.41 30.09 6.21
C LEU A 472 12.35 29.38 5.22
N SER A 473 11.81 28.54 4.34
CA SER A 473 12.60 27.84 3.32
C SER A 473 13.31 28.90 2.42
N GLN A 474 12.60 29.93 2.00
CA GLN A 474 13.17 31.00 1.16
C GLN A 474 14.26 31.80 1.91
N ARG A 475 14.09 32.03 3.23
CA ARG A 475 15.13 32.72 4.02
C ARG A 475 16.43 31.91 3.98
N TRP A 476 16.33 30.57 4.17
CA TRP A 476 17.53 29.70 4.15
C TRP A 476 18.19 29.65 2.75
N ILE A 477 17.36 29.49 1.68
CA ILE A 477 17.87 29.40 0.30
C ILE A 477 18.59 30.67 -0.15
N THR A 478 18.01 31.84 0.18
CA THR A 478 18.58 33.15 -0.20
C THR A 478 19.68 33.62 0.79
N ALA A 479 19.84 32.94 1.95
CA ALA A 479 20.85 33.36 2.94
C ALA A 479 22.26 33.22 2.39
N LYS A 480 23.13 34.19 2.73
CA LYS A 480 24.56 34.14 2.45
C LYS A 480 25.25 33.86 3.78
N GLU A 481 26.56 33.58 3.78
CA GLU A 481 27.29 33.30 5.02
C GLU A 481 27.00 34.33 6.14
N ASP A 482 27.00 35.64 5.79
CA ASP A 482 26.76 36.69 6.79
C ASP A 482 25.34 36.73 7.36
N ASP A 483 24.40 35.93 6.80
CA ASP A 483 23.02 35.84 7.31
C ASP A 483 22.77 34.66 8.25
N LEU A 484 23.68 33.69 8.29
CA LEU A 484 23.54 32.45 9.07
C LEU A 484 23.34 32.67 10.58
N ASN A 485 23.98 33.72 11.12
CA ASN A 485 23.88 34.08 12.53
C ASN A 485 22.47 34.54 12.90
N SER A 486 21.67 35.01 11.94
CA SER A 486 20.30 35.48 12.21
C SER A 486 19.32 34.34 12.50
N PHE A 487 19.66 33.09 12.13
CA PHE A 487 18.77 31.95 12.39
C PHE A 487 18.91 31.51 13.84
N ASN A 488 17.81 31.05 14.43
CA ASN A 488 17.75 30.64 15.84
C ASN A 488 16.59 29.68 16.04
N ALA A 489 16.61 28.90 17.16
CA ALA A 489 15.54 27.96 17.49
C ALA A 489 14.13 28.62 17.50
N THR A 490 14.05 29.95 17.71
CA THR A 490 12.76 30.67 17.73
C THR A 490 12.04 30.68 16.38
N ASP A 491 12.78 30.50 15.26
CA ASP A 491 12.17 30.42 13.93
C ASP A 491 11.08 29.31 13.84
N LEU A 492 11.22 28.24 14.66
CA LEU A 492 10.32 27.09 14.63
C LEU A 492 9.19 27.11 15.66
N LYS A 493 9.19 28.08 16.59
CA LYS A 493 8.21 28.12 17.69
C LYS A 493 6.73 28.02 17.32
N ASP A 494 6.33 28.61 16.20
CA ASP A 494 4.93 28.59 15.80
C ASP A 494 4.62 27.57 14.70
N LEU A 495 5.56 26.68 14.39
CA LEU A 495 5.35 25.66 13.37
C LEU A 495 4.90 24.33 13.97
N SER A 496 3.86 23.72 13.40
CA SER A 496 3.42 22.38 13.80
C SER A 496 4.46 21.36 13.21
N SER A 497 4.37 20.08 13.60
CA SER A 497 5.23 19.05 13.02
C SER A 497 4.98 18.97 11.51
N HIS A 498 3.71 19.13 11.08
CA HIS A 498 3.32 19.11 9.68
C HIS A 498 4.01 20.25 8.92
N GLN A 499 4.05 21.45 9.53
CA GLN A 499 4.72 22.61 8.95
C GLN A 499 6.23 22.46 8.91
N LEU A 500 6.81 21.80 9.91
CA LEU A 500 8.24 21.55 9.93
C LEU A 500 8.62 20.60 8.78
N ASN A 501 7.80 19.58 8.54
CA ASN A 501 7.97 18.63 7.45
C ASN A 501 7.86 19.35 6.09
N GLU A 502 6.89 20.27 5.95
CA GLU A 502 6.69 21.03 4.72
C GLU A 502 7.86 22.00 4.47
N PHE A 503 8.39 22.63 5.53
CA PHE A 503 9.58 23.50 5.41
C PHE A 503 10.74 22.65 4.84
N LEU A 504 10.91 21.41 5.37
CA LEU A 504 11.97 20.54 4.86
C LEU A 504 11.72 20.12 3.43
N ALA A 505 10.45 19.82 3.07
CA ALA A 505 10.14 19.40 1.69
C ALA A 505 10.41 20.54 0.70
N GLN A 506 10.05 21.78 1.07
CA GLN A 506 10.28 22.95 0.22
C GLN A 506 11.78 23.16 0.01
N THR A 507 12.55 23.01 1.07
CA THR A 507 14.02 23.20 1.03
C THR A 507 14.68 22.09 0.21
N LEU A 508 14.24 20.83 0.43
CA LEU A 508 14.75 19.66 -0.30
C LEU A 508 14.54 19.80 -1.81
N GLN A 509 13.44 20.45 -2.25
CA GLN A 509 13.19 20.68 -3.68
C GLN A 509 14.29 21.56 -4.31
N ARG A 510 15.04 22.35 -3.50
CA ARG A 510 16.10 23.21 -3.99
C ARG A 510 17.49 22.70 -3.62
N ALA A 511 17.57 21.47 -3.10
CA ALA A 511 18.84 20.88 -2.68
C ALA A 511 19.74 20.59 -3.87
N PRO A 512 21.09 20.69 -3.71
CA PRO A 512 21.81 20.96 -2.44
C PRO A 512 21.83 22.40 -2.01
N LEU A 513 22.00 22.60 -0.69
CA LEU A 513 22.26 23.91 -0.13
C LEU A 513 23.77 23.88 0.27
N PRO A 514 24.43 25.03 0.51
CA PRO A 514 25.85 24.96 0.90
C PRO A 514 26.00 24.19 2.20
N LEU A 515 27.13 23.52 2.34
CA LEU A 515 27.43 22.74 3.53
C LEU A 515 27.35 23.56 4.84
N GLY A 516 27.82 24.80 4.82
CA GLY A 516 27.76 25.71 5.98
C GLY A 516 26.32 25.98 6.43
N HIS A 517 25.39 26.08 5.46
CA HIS A 517 23.97 26.28 5.79
C HIS A 517 23.40 25.06 6.53
N ILE A 518 23.69 23.83 6.03
CA ILE A 518 23.18 22.59 6.64
C ILE A 518 23.72 22.43 8.07
N LYS A 519 25.01 22.72 8.25
CA LYS A 519 25.65 22.66 9.58
C LYS A 519 24.98 23.66 10.52
N ARG A 520 24.66 24.85 10.04
CA ARG A 520 23.98 25.86 10.85
C ARG A 520 22.58 25.42 11.26
N MET A 521 21.84 24.82 10.33
CA MET A 521 20.50 24.28 10.55
C MET A 521 20.53 23.25 11.69
N GLN A 522 21.55 22.40 11.76
CA GLN A 522 21.67 21.43 12.84
C GLN A 522 22.01 22.15 14.15
N GLU A 523 22.92 23.14 14.08
CA GLU A 523 23.33 23.95 15.23
C GLU A 523 22.14 24.64 15.90
N VAL A 524 21.24 25.24 15.10
CA VAL A 524 20.11 25.99 15.66
C VAL A 524 18.81 25.22 15.85
N TYR A 525 18.55 24.22 15.00
CA TYR A 525 17.29 23.50 15.07
C TYR A 525 17.37 22.10 15.67
N ASN A 526 18.59 21.54 15.78
CA ASN A 526 18.83 20.18 16.31
C ASN A 526 17.91 19.13 15.65
N PHE A 527 17.86 19.16 14.30
CA PHE A 527 17.03 18.23 13.54
C PHE A 527 17.47 16.77 13.75
N ASN A 528 18.77 16.54 14.10
CA ASN A 528 19.27 15.17 14.36
C ASN A 528 18.52 14.50 15.52
N ALA A 529 17.94 15.30 16.45
CA ALA A 529 17.21 14.72 17.60
C ALA A 529 15.76 14.34 17.28
N ILE A 530 15.25 14.66 16.07
CA ILE A 530 13.85 14.40 15.74
C ILE A 530 13.63 12.92 15.37
N ASN A 531 12.66 12.28 16.02
CA ASN A 531 12.35 10.87 15.81
C ASN A 531 11.27 10.65 14.75
N ASN A 532 10.42 11.68 14.50
CA ASN A 532 9.35 11.61 13.48
C ASN A 532 9.99 11.14 12.14
N SER A 533 9.56 9.97 11.62
CA SER A 533 10.18 9.35 10.44
C SER A 533 10.14 10.20 9.18
N GLU A 534 9.03 10.92 8.93
CA GLU A 534 8.88 11.78 7.74
C GLU A 534 9.88 12.96 7.79
N ILE A 535 9.91 13.66 8.92
CA ILE A 535 10.83 14.79 9.13
C ILE A 535 12.29 14.28 9.07
N ARG A 536 12.61 13.18 9.77
CA ARG A 536 13.99 12.65 9.77
C ARG A 536 14.42 12.24 8.37
N PHE A 537 13.52 11.60 7.61
CA PHE A 537 13.80 11.19 6.24
C PHE A 537 14.20 12.39 5.36
N ARG A 538 13.39 13.48 5.36
CA ARG A 538 13.68 14.66 4.54
C ARG A 538 14.96 15.38 5.00
N TRP A 539 15.15 15.47 6.33
CA TRP A 539 16.37 16.08 6.88
C TRP A 539 17.61 15.31 6.44
N LEU A 540 17.57 13.97 6.52
CA LEU A 540 18.74 13.19 6.12
C LEU A 540 19.04 13.27 4.61
N ARG A 541 18.00 13.29 3.80
CA ARG A 541 18.15 13.44 2.35
C ARG A 541 18.79 14.80 2.07
N LEU A 542 18.32 15.85 2.76
CA LEU A 542 18.87 17.20 2.59
C LEU A 542 20.36 17.19 2.96
N CYS A 543 20.72 16.54 4.08
CA CYS A 543 22.13 16.47 4.51
C CYS A 543 23.01 15.75 3.49
N ILE A 544 22.56 14.57 3.02
CA ILE A 544 23.33 13.75 2.08
C ILE A 544 23.45 14.44 0.73
N GLN A 545 22.35 14.98 0.20
CA GLN A 545 22.41 15.70 -1.08
C GLN A 545 23.29 16.96 -0.95
N SER A 546 23.42 17.52 0.27
CA SER A 546 24.29 18.69 0.52
C SER A 546 25.72 18.29 0.93
N LYS A 547 26.04 16.99 0.79
CA LYS A 547 27.39 16.43 0.97
C LYS A 547 27.98 16.52 2.39
N TRP A 548 27.13 16.36 3.42
CA TRP A 548 27.60 16.34 4.81
C TRP A 548 27.95 14.91 5.18
N GLU A 549 29.28 14.64 5.32
CA GLU A 549 29.80 13.32 5.67
C GLU A 549 29.29 12.80 7.01
N ASP A 550 29.12 13.69 8.03
CA ASP A 550 28.58 13.35 9.36
C ASP A 550 27.22 12.63 9.28
N ALA A 551 26.40 12.94 8.25
CA ALA A 551 25.06 12.35 8.07
C ALA A 551 25.05 10.94 7.48
N ILE A 552 26.20 10.50 6.88
CA ILE A 552 26.33 9.18 6.25
C ILE A 552 25.91 8.05 7.22
N PRO A 553 26.49 7.95 8.45
CA PRO A 553 26.07 6.85 9.36
C PRO A 553 24.60 6.93 9.78
N LEU A 554 24.06 8.15 9.91
CA LEU A 554 22.64 8.34 10.27
C LEU A 554 21.72 7.88 9.14
N ALA A 555 22.07 8.22 7.89
CA ALA A 555 21.27 7.84 6.71
C ALA A 555 21.35 6.33 6.45
N LEU A 556 22.56 5.71 6.60
CA LEU A 556 22.71 4.27 6.43
C LEU A 556 21.87 3.52 7.48
N LYS A 557 21.89 4.00 8.74
CA LYS A 557 21.14 3.43 9.86
C LYS A 557 19.63 3.51 9.58
N MET A 558 19.11 4.67 9.18
CA MET A 558 17.67 4.77 8.86
C MET A 558 17.28 3.85 7.69
N ALA A 559 18.13 3.80 6.64
CA ALA A 559 17.82 2.99 5.46
C ALA A 559 17.73 1.49 5.77
N THR A 560 18.43 1.03 6.82
CA THR A 560 18.47 -0.40 7.15
C THR A 560 17.70 -0.86 8.38
N GLU A 561 17.52 0.03 9.37
CA GLU A 561 16.78 -0.28 10.60
C GLU A 561 15.27 -0.35 10.36
N GLN A 562 14.82 0.21 9.25
CA GLN A 562 13.44 0.10 8.79
C GLN A 562 13.47 -0.18 7.28
N GLY A 563 12.35 -0.62 6.71
CA GLY A 563 12.29 -0.98 5.30
C GLY A 563 11.11 -0.40 4.55
N ARG A 564 10.51 0.70 5.06
CA ARG A 564 9.40 1.33 4.34
C ARG A 564 10.00 1.88 3.05
N MET A 565 9.52 1.40 1.88
CA MET A 565 10.12 1.77 0.59
C MET A 565 10.23 3.25 0.31
N LYS A 566 9.21 4.02 0.73
CA LYS A 566 9.18 5.48 0.63
C LYS A 566 10.46 6.12 1.21
N PHE A 567 11.02 5.52 2.29
CA PHE A 567 12.24 5.99 2.93
C PHE A 567 13.51 5.26 2.47
N THR A 568 13.54 3.92 2.56
CA THR A 568 14.68 3.08 2.20
C THR A 568 15.19 3.36 0.77
N ARG A 569 14.29 3.35 -0.24
CA ARG A 569 14.70 3.56 -1.63
C ARG A 569 15.41 4.90 -1.88
N PRO A 570 14.84 6.08 -1.52
CA PRO A 570 15.55 7.35 -1.77
C PRO A 570 16.79 7.50 -0.89
N LEU A 571 16.79 6.94 0.34
CA LEU A 571 18.00 7.03 1.19
C LEU A 571 19.18 6.29 0.57
N PHE A 572 18.94 5.05 0.10
CA PHE A 572 19.97 4.27 -0.60
C PHE A 572 20.41 4.97 -1.89
N LYS A 573 19.44 5.52 -2.66
CA LYS A 573 19.76 6.25 -3.92
C LYS A 573 20.63 7.49 -3.66
N ASP A 574 20.26 8.30 -2.65
CA ASP A 574 21.03 9.50 -2.27
C ASP A 574 22.44 9.12 -1.81
N LEU A 575 22.56 8.05 -0.99
CA LEU A 575 23.84 7.52 -0.50
C LEU A 575 24.72 6.97 -1.64
N ALA A 576 24.11 6.30 -2.63
CA ALA A 576 24.85 5.82 -3.81
C ALA A 576 25.32 7.02 -4.67
N ALA A 577 24.55 8.12 -4.73
CA ALA A 577 24.89 9.32 -5.52
C ALA A 577 25.97 10.22 -4.89
N PHE A 578 26.27 10.03 -3.59
CA PHE A 578 27.30 10.77 -2.87
C PHE A 578 28.59 9.93 -2.91
N ASP A 579 29.65 10.44 -3.60
CA ASP A 579 30.92 9.73 -3.77
C ASP A 579 31.49 9.15 -2.48
N LYS A 580 31.41 9.93 -1.38
CA LYS A 580 31.92 9.59 -0.05
C LYS A 580 31.18 8.41 0.56
N SER A 581 29.91 8.21 0.22
CA SER A 581 29.13 7.09 0.75
C SER A 581 28.79 6.00 -0.26
N HIS A 582 29.14 6.18 -1.55
CA HIS A 582 28.78 5.21 -2.60
C HIS A 582 29.10 3.77 -2.24
N ASP A 583 30.38 3.48 -1.93
CA ASP A 583 30.84 2.14 -1.61
C ASP A 583 30.11 1.55 -0.40
N GLN A 584 29.95 2.34 0.67
CA GLN A 584 29.22 1.95 1.90
C GLN A 584 27.77 1.59 1.57
N ALA A 585 27.13 2.39 0.68
CA ALA A 585 25.74 2.11 0.27
C ALA A 585 25.59 0.73 -0.39
N VAL A 586 26.45 0.44 -1.37
CA VAL A 586 26.49 -0.83 -2.09
C VAL A 586 26.78 -2.00 -1.16
N ARG A 587 27.84 -1.86 -0.30
CA ARG A 587 28.22 -2.93 0.63
C ARG A 587 27.10 -3.23 1.62
N THR A 588 26.48 -2.17 2.19
CA THR A 588 25.39 -2.29 3.17
C THR A 588 24.21 -3.02 2.55
N TYR A 589 23.88 -2.66 1.29
CA TYR A 589 22.78 -3.35 0.62
C TYR A 589 23.12 -4.85 0.48
N GLN A 590 24.33 -5.18 -0.03
CA GLN A 590 24.79 -6.56 -0.22
C GLN A 590 24.73 -7.39 1.08
N GLU A 591 25.13 -6.80 2.22
CA GLU A 591 25.10 -7.44 3.54
C GLU A 591 23.68 -7.68 4.08
N HIS A 592 22.75 -6.75 3.80
CA HIS A 592 21.36 -6.79 4.30
C HIS A 592 20.36 -7.46 3.36
N LYS A 593 20.70 -7.60 2.05
CA LYS A 593 19.84 -8.16 1.00
C LYS A 593 19.12 -9.45 1.39
N ALA A 594 19.87 -10.45 1.92
CA ALA A 594 19.29 -11.76 2.29
C ALA A 594 18.18 -11.69 3.36
N SER A 595 18.25 -10.68 4.25
CA SER A 595 17.27 -10.48 5.33
C SER A 595 16.24 -9.35 5.08
N MET A 596 16.17 -8.84 3.84
CA MET A 596 15.23 -7.78 3.46
C MET A 596 13.94 -8.42 2.91
N HIS A 597 12.87 -7.61 2.83
CA HIS A 597 11.60 -8.01 2.19
C HIS A 597 11.94 -8.28 0.70
N PRO A 598 11.44 -9.38 0.09
CA PRO A 598 11.83 -9.69 -1.30
C PRO A 598 11.56 -8.61 -2.34
N VAL A 599 10.44 -7.88 -2.22
CA VAL A 599 10.12 -6.82 -3.19
C VAL A 599 11.09 -5.64 -2.96
N THR A 600 11.26 -5.21 -1.72
CA THR A 600 12.18 -4.10 -1.39
C THR A 600 13.61 -4.41 -1.89
N ALA A 601 14.09 -5.65 -1.64
CA ALA A 601 15.43 -6.12 -2.06
C ALA A 601 15.58 -6.00 -3.58
N MET A 602 14.56 -6.42 -4.34
CA MET A 602 14.62 -6.33 -5.80
C MET A 602 14.69 -4.87 -6.25
N LEU A 603 13.85 -4.01 -5.69
CA LEU A 603 13.79 -2.60 -6.07
C LEU A 603 15.04 -1.79 -5.72
N VAL A 604 15.57 -2.01 -4.50
CA VAL A 604 16.82 -1.35 -4.06
C VAL A 604 17.98 -1.82 -4.98
N GLY A 605 17.97 -3.09 -5.36
CA GLY A 605 18.96 -3.70 -6.26
C GLY A 605 18.97 -2.99 -7.61
N LYS A 606 17.76 -2.77 -8.18
CA LYS A 606 17.57 -2.05 -9.45
C LYS A 606 18.00 -0.59 -9.35
N ASP A 607 17.60 0.10 -8.26
CA ASP A 607 17.95 1.50 -8.02
C ASP A 607 19.47 1.69 -7.95
N LEU A 608 20.18 0.74 -7.31
CA LEU A 608 21.64 0.79 -7.10
C LEU A 608 22.44 0.19 -8.25
N LYS A 609 21.75 -0.48 -9.20
CA LYS A 609 22.34 -1.23 -10.34
C LYS A 609 23.32 -2.30 -9.83
N VAL A 610 22.88 -3.05 -8.81
CA VAL A 610 23.60 -4.15 -8.14
C VAL A 610 22.70 -5.36 -8.35
N ASP A 611 23.15 -6.33 -9.15
CA ASP A 611 22.38 -7.52 -9.50
C ASP A 611 22.51 -8.68 -8.47
N PRO B 1 -1.64 1.41 -2.07
CA PRO B 1 -1.98 0.93 -0.73
C PRO B 1 -1.86 2.01 0.34
N GLY B 2 -0.76 2.76 0.28
CA GLY B 2 -0.35 3.81 1.20
C GLY B 2 1.17 3.78 1.28
N PRO B 3 1.91 4.64 0.54
CA PRO B 3 3.39 4.56 0.57
C PRO B 3 3.98 4.85 1.94
#